data_1KXH
#
_entry.id   1KXH
#
_cell.length_a   71.100
_cell.length_b   139.900
_cell.length_c   115.300
_cell.angle_alpha   90.00
_cell.angle_beta   90.00
_cell.angle_gamma   90.00
#
_symmetry.space_group_name_H-M   'C 2 2 21'
#
loop_
_entity.id
_entity.type
_entity.pdbx_description
1 polymer alpha-amylase
2 branched 4,6-dideoxy-4-{[(1S,4R,5S,6S)-4,5,6-trihydroxy-3-(hydroxymethyl)cyclohex-2-en-1-yl]amino}-alpha-D-glucopyranose-(1-4)-alpha-D-glucopyranose-(1-4)-alpha-D-glucopyranose
3 non-polymer 'CALCIUM ION'
4 non-polymer 'CHLORIDE ION'
5 water water
#
_entity_poly.entity_id   1
_entity_poly.type   'polypeptide(L)'
_entity_poly.pdbx_seq_one_letter_code
;TPTTFVHLFEWNWQDVAQECEQYLGPKGYAAVQVSPPNEHITGSQWWTRYQPVSYELQSRGGNRAQFIDMVNRCSAAGVD
IYVDTLINHMAAGSGTGTAGNSFGNKSFPIYSPQDFHESCTINNSDYGNDRYRVQNCELVGLADLDTASNYVQNTIAAYI
NDLQAIGVKGFRFNASKHVAASDIQSLMAKVNGSPVVFQEVIDQGGEAVGASEYLSTGLVTEFKYSTELGNTFRNGSLAW
LSNFGEGWGFMPSSSAVVFVDNHDNQRGHGGAGNVITFEDGRLYDLANVFMLAYPYGYPKVMSSYDFHGDTDAGGPNVPV
HNNGNLECFASNWKCEHRWSYIAGGVDFRNNTADNWAVTNWWDNTNNQISFGRGSSGHMAINKEDSTLTATVQTDMASGQ
YCNVLKGELSADAKSCSGEVITVNSDGTINLNIGAWDAMAIHKNAKLN
;
_entity_poly.pdbx_strand_id   A
#
loop_
_chem_comp.id
_chem_comp.type
_chem_comp.name
_chem_comp.formula
AC1 D-saccharide 4,6-dideoxy-4-{[(1S,4R,5S,6S)-4,5,6-trihydroxy-3-(hydroxymethyl)cyclohex-2-en-1-yl]amino}-alpha-D-glucopyranose 'C13 H23 N O8'
CA non-polymer 'CALCIUM ION' 'Ca 2'
CL non-polymer 'CHLORIDE ION' 'Cl -1'
GLC D-saccharide, alpha linking alpha-D-glucopyranose 'C6 H12 O6'
#
# COMPACT_ATOMS: atom_id res chain seq x y z
N THR A 1 -6.41 -13.51 11.20
CA THR A 1 -5.92 -12.19 11.66
C THR A 1 -5.63 -11.30 10.47
N PRO A 2 -6.16 -10.06 10.46
CA PRO A 2 -5.93 -9.11 9.36
C PRO A 2 -4.47 -8.63 9.43
N THR A 3 -3.77 -8.71 8.30
CA THR A 3 -2.36 -8.33 8.26
C THR A 3 -1.99 -7.46 7.07
N THR A 4 -2.90 -7.33 6.10
CA THR A 4 -2.63 -6.62 4.86
C THR A 4 -3.71 -5.64 4.45
N PHE A 5 -3.31 -4.50 3.89
CA PHE A 5 -4.28 -3.54 3.40
C PHE A 5 -4.09 -3.29 1.91
N VAL A 6 -5.00 -2.56 1.30
CA VAL A 6 -4.95 -2.32 -0.14
C VAL A 6 -5.22 -0.85 -0.52
N HIS A 7 -4.64 -0.39 -1.63
CA HIS A 7 -4.86 0.98 -2.09
C HIS A 7 -5.74 0.90 -3.33
N LEU A 8 -7.02 1.23 -3.18
CA LEU A 8 -7.94 1.24 -4.32
C LEU A 8 -7.84 2.63 -4.96
N PHE A 9 -6.76 2.81 -5.70
CA PHE A 9 -6.38 4.05 -6.38
C PHE A 9 -7.45 4.61 -7.33
N GLU A 10 -7.97 5.79 -7.01
CA GLU A 10 -8.99 6.47 -7.80
C GLU A 10 -10.36 5.78 -7.90
N TRP A 11 -10.63 4.85 -6.99
CA TRP A 11 -11.94 4.18 -6.98
C TRP A 11 -12.96 5.11 -6.29
N ASN A 12 -14.14 5.29 -6.90
CA ASN A 12 -15.17 6.15 -6.29
C ASN A 12 -15.77 5.44 -5.07
N TRP A 13 -16.48 6.21 -4.25
CA TRP A 13 -17.01 5.66 -3.01
C TRP A 13 -18.01 4.51 -3.15
N GLN A 14 -18.82 4.53 -4.20
CA GLN A 14 -19.79 3.45 -4.42
C GLN A 14 -19.10 2.14 -4.76
N ASP A 15 -18.03 2.24 -5.55
CA ASP A 15 -17.23 1.06 -5.94
C ASP A 15 -16.50 0.48 -4.73
N VAL A 16 -15.94 1.32 -3.88
CA VAL A 16 -15.23 0.84 -2.69
C VAL A 16 -16.19 0.13 -1.72
N ALA A 17 -17.39 0.70 -1.55
CA ALA A 17 -18.40 0.13 -0.65
C ALA A 17 -18.80 -1.30 -1.06
N GLN A 18 -19.04 -1.53 -2.35
CA GLN A 18 -19.40 -2.85 -2.86
C GLN A 18 -18.24 -3.83 -2.80
N GLU A 19 -17.03 -3.33 -3.04
CA GLU A 19 -15.84 -4.16 -3.01
C GLU A 19 -15.59 -4.68 -1.59
N CYS A 20 -15.84 -3.83 -0.59
CA CYS A 20 -15.68 -4.24 0.81
C CYS A 20 -16.61 -5.40 1.15
N GLU A 21 -17.85 -5.30 0.68
CA GLU A 21 -18.88 -6.30 0.92
C GLU A 21 -18.72 -7.60 0.18
N GLN A 22 -18.42 -7.50 -1.10
CA GLN A 22 -18.29 -8.69 -1.92
C GLN A 22 -16.93 -9.37 -1.89
N TYR A 23 -15.86 -8.62 -1.65
CA TYR A 23 -14.54 -9.22 -1.70
C TYR A 23 -13.59 -9.03 -0.55
N LEU A 24 -13.24 -7.77 -0.26
CA LEU A 24 -12.29 -7.44 0.79
C LEU A 24 -12.57 -8.08 2.15
N GLY A 25 -13.79 -7.92 2.65
CA GLY A 25 -14.13 -8.51 3.94
C GLY A 25 -13.96 -10.03 3.95
N PRO A 26 -14.66 -10.75 3.04
CA PRO A 26 -14.59 -12.22 2.93
C PRO A 26 -13.16 -12.75 2.74
N LYS A 27 -12.37 -12.07 1.90
CA LYS A 27 -10.99 -12.50 1.65
C LYS A 27 -10.00 -12.10 2.73
N GLY A 28 -10.46 -11.35 3.72
CA GLY A 28 -9.59 -10.97 4.81
C GLY A 28 -8.67 -9.75 4.73
N TYR A 29 -8.92 -8.81 3.83
CA TYR A 29 -8.07 -7.61 3.78
C TYR A 29 -8.44 -6.77 5.00
N ALA A 30 -7.42 -6.21 5.65
CA ALA A 30 -7.64 -5.40 6.84
C ALA A 30 -8.21 -3.99 6.63
N ALA A 31 -7.82 -3.34 5.54
CA ALA A 31 -8.26 -1.99 5.32
C ALA A 31 -8.05 -1.54 3.89
N VAL A 32 -8.54 -0.35 3.60
CA VAL A 32 -8.45 0.26 2.28
C VAL A 32 -8.00 1.71 2.37
N GLN A 33 -6.99 2.04 1.57
CA GLN A 33 -6.48 3.41 1.47
C GLN A 33 -7.25 4.03 0.28
N VAL A 34 -7.97 5.11 0.53
CA VAL A 34 -8.71 5.77 -0.53
C VAL A 34 -8.01 7.05 -0.98
N SER A 35 -8.32 7.48 -2.21
CA SER A 35 -7.77 8.71 -2.76
C SER A 35 -8.35 9.91 -1.96
N PRO A 36 -7.62 11.05 -1.90
CA PRO A 36 -8.07 12.25 -1.16
C PRO A 36 -9.55 12.58 -1.38
N PRO A 37 -10.35 12.51 -0.30
CA PRO A 37 -11.80 12.79 -0.34
C PRO A 37 -12.21 14.26 -0.18
N ASN A 38 -11.24 15.16 0.00
CA ASN A 38 -11.54 16.57 0.19
C ASN A 38 -11.61 17.34 -1.13
N GLU A 39 -12.19 18.56 -1.09
CA GLU A 39 -12.33 19.37 -2.30
C GLU A 39 -10.97 19.66 -2.89
N HIS A 40 -10.87 19.53 -4.21
CA HIS A 40 -9.63 19.76 -4.95
C HIS A 40 -9.90 20.45 -6.28
N ILE A 41 -8.83 20.85 -6.99
CA ILE A 41 -9.01 21.53 -8.26
C ILE A 41 -9.68 20.66 -9.33
N THR A 42 -10.36 21.30 -10.28
CA THR A 42 -11.03 20.62 -11.37
C THR A 42 -9.96 20.14 -12.37
N GLY A 43 -10.30 19.16 -13.20
CA GLY A 43 -9.36 18.60 -14.17
C GLY A 43 -9.41 17.08 -14.18
N SER A 44 -9.02 16.46 -15.29
CA SER A 44 -9.08 15.02 -15.39
C SER A 44 -7.84 14.23 -14.93
N GLN A 45 -6.71 14.91 -14.70
CA GLN A 45 -5.49 14.22 -14.27
C GLN A 45 -5.64 13.61 -12.88
N TRP A 46 -5.04 12.45 -12.65
CA TRP A 46 -5.12 11.80 -11.33
C TRP A 46 -4.54 12.69 -10.24
N TRP A 47 -3.50 13.46 -10.56
CA TRP A 47 -2.86 14.33 -9.56
C TRP A 47 -3.61 15.59 -9.09
N THR A 48 -4.81 15.83 -9.62
CA THR A 48 -5.57 17.00 -9.19
C THR A 48 -5.98 16.79 -7.73
N ARG A 49 -6.07 15.52 -7.33
CA ARG A 49 -6.43 15.14 -5.96
C ARG A 49 -5.43 15.63 -4.91
N TYR A 50 -4.23 15.98 -5.36
CA TYR A 50 -3.20 16.47 -4.46
C TYR A 50 -3.03 17.99 -4.38
N GLN A 51 -4.06 18.71 -4.86
CA GLN A 51 -4.13 20.17 -4.83
C GLN A 51 -5.47 20.56 -4.20
N PRO A 52 -5.51 20.64 -2.85
CA PRO A 52 -6.71 20.99 -2.09
C PRO A 52 -7.16 22.43 -2.27
N VAL A 53 -8.46 22.65 -2.10
CA VAL A 53 -9.09 23.98 -2.20
C VAL A 53 -9.74 24.27 -0.84
N SER A 54 -10.23 23.21 -0.18
CA SER A 54 -10.83 23.28 1.15
C SER A 54 -10.92 21.86 1.71
N TYR A 55 -11.47 21.72 2.91
CA TYR A 55 -11.62 20.41 3.52
C TYR A 55 -13.03 19.85 3.47
N GLU A 56 -13.84 20.37 2.55
CA GLU A 56 -15.21 19.88 2.37
C GLU A 56 -15.11 18.57 1.60
N LEU A 57 -15.91 17.58 2.00
CA LEU A 57 -15.88 16.26 1.37
C LEU A 57 -16.65 16.13 0.06
N GLN A 58 -16.26 16.92 -0.93
CA GLN A 58 -16.89 16.92 -2.24
C GLN A 58 -15.73 16.77 -3.21
N SER A 59 -15.59 15.58 -3.79
CA SER A 59 -14.47 15.32 -4.68
C SER A 59 -14.85 14.43 -5.84
N ARG A 60 -13.86 14.05 -6.64
CA ARG A 60 -14.06 13.18 -7.78
C ARG A 60 -14.63 11.81 -7.39
N GLY A 61 -14.36 11.38 -6.15
CA GLY A 61 -14.88 10.09 -5.69
C GLY A 61 -16.35 10.09 -5.31
N GLY A 62 -16.91 11.27 -5.06
CA GLY A 62 -18.30 11.40 -4.67
C GLY A 62 -18.52 12.52 -3.67
N ASN A 63 -19.75 12.63 -3.16
CA ASN A 63 -20.07 13.67 -2.17
C ASN A 63 -19.98 13.13 -0.75
N ARG A 64 -20.22 14.00 0.23
CA ARG A 64 -20.14 13.64 1.64
C ARG A 64 -21.02 12.47 2.04
N ALA A 65 -22.28 12.46 1.58
CA ALA A 65 -23.19 11.39 1.93
C ALA A 65 -22.66 10.05 1.43
N GLN A 66 -22.16 10.03 0.19
CA GLN A 66 -21.61 8.81 -0.39
C GLN A 66 -20.37 8.32 0.36
N PHE A 67 -19.55 9.28 0.79
CA PHE A 67 -18.35 8.96 1.53
C PHE A 67 -18.75 8.28 2.86
N ILE A 68 -19.73 8.85 3.55
CA ILE A 68 -20.18 8.30 4.85
C ILE A 68 -20.75 6.90 4.66
N ASP A 69 -21.53 6.72 3.59
CA ASP A 69 -22.12 5.44 3.29
C ASP A 69 -21.01 4.39 3.16
N MET A 70 -19.95 4.73 2.41
CA MET A 70 -18.80 3.85 2.22
C MET A 70 -18.10 3.43 3.54
N VAL A 71 -17.88 4.36 4.46
CA VAL A 71 -17.25 4.01 5.72
C VAL A 71 -18.13 3.03 6.52
N ASN A 72 -19.44 3.26 6.52
CA ASN A 72 -20.37 2.39 7.25
C ASN A 72 -20.38 0.99 6.66
N ARG A 73 -20.66 0.90 5.36
CA ARG A 73 -20.70 -0.40 4.67
C ARG A 73 -19.40 -1.19 4.84
N CYS A 74 -18.26 -0.52 4.67
CA CYS A 74 -16.96 -1.19 4.81
C CYS A 74 -16.76 -1.66 6.24
N SER A 75 -17.10 -0.79 7.19
CA SER A 75 -16.97 -1.11 8.60
C SER A 75 -17.80 -2.35 8.96
N ALA A 76 -19.00 -2.45 8.42
CA ALA A 76 -19.88 -3.59 8.68
C ALA A 76 -19.29 -4.88 8.11
N ALA A 77 -18.51 -4.75 7.03
CA ALA A 77 -17.88 -5.91 6.42
C ALA A 77 -16.54 -6.29 7.07
N GLY A 78 -16.14 -5.55 8.08
CA GLY A 78 -14.89 -5.80 8.78
C GLY A 78 -13.66 -5.16 8.16
N VAL A 79 -13.84 -4.11 7.35
CA VAL A 79 -12.73 -3.45 6.66
C VAL A 79 -12.61 -1.96 7.02
N ASP A 80 -11.41 -1.55 7.47
CA ASP A 80 -11.15 -0.14 7.83
C ASP A 80 -10.88 0.77 6.64
N ILE A 81 -10.99 2.07 6.87
CA ILE A 81 -10.73 3.07 5.85
C ILE A 81 -9.57 3.94 6.34
N TYR A 82 -8.60 4.15 5.44
CA TYR A 82 -7.42 5.00 5.71
C TYR A 82 -7.55 6.15 4.71
N VAL A 83 -7.53 7.40 5.20
CA VAL A 83 -7.66 8.55 4.32
C VAL A 83 -6.31 9.19 4.01
N ASP A 84 -6.06 9.39 2.72
CA ASP A 84 -4.84 10.05 2.26
C ASP A 84 -5.03 11.54 2.62
N THR A 85 -4.25 12.01 3.57
CA THR A 85 -4.36 13.38 4.09
C THR A 85 -3.23 14.31 3.64
N LEU A 86 -3.61 15.48 3.12
CA LEU A 86 -2.67 16.48 2.64
C LEU A 86 -2.35 17.44 3.77
N ILE A 87 -1.17 17.29 4.38
CA ILE A 87 -0.78 18.14 5.49
C ILE A 87 0.27 19.21 5.13
N ASN A 88 0.81 19.14 3.92
CA ASN A 88 1.87 20.06 3.56
C ASN A 88 1.53 21.29 2.74
N HIS A 89 0.49 21.21 1.93
CA HIS A 89 0.22 22.32 1.03
C HIS A 89 -1.21 22.42 0.54
N MET A 90 -1.44 23.45 -0.27
CA MET A 90 -2.73 23.69 -0.90
C MET A 90 -2.42 23.79 -2.40
N ALA A 91 -3.47 23.93 -3.21
CA ALA A 91 -3.32 24.01 -4.66
C ALA A 91 -2.44 25.15 -5.15
N ALA A 92 -1.89 24.97 -6.36
CA ALA A 92 -1.04 25.99 -6.97
C ALA A 92 -1.88 26.93 -7.87
N GLY A 93 -1.44 28.18 -8.00
CA GLY A 93 -2.12 29.14 -8.85
C GLY A 93 -3.51 29.59 -8.42
N SER A 94 -4.45 29.56 -9.37
CA SER A 94 -5.83 29.97 -9.11
C SER A 94 -6.84 29.18 -9.94
N GLY A 95 -8.09 29.15 -9.47
CA GLY A 95 -9.13 28.43 -10.19
C GLY A 95 -10.39 28.16 -9.35
N THR A 96 -11.02 27.02 -9.62
CA THR A 96 -12.23 26.61 -8.91
C THR A 96 -12.08 25.18 -8.42
N GLY A 97 -12.78 24.84 -7.34
CA GLY A 97 -12.71 23.51 -6.77
C GLY A 97 -13.92 22.65 -7.09
N THR A 98 -13.85 21.39 -6.69
CA THR A 98 -14.92 20.44 -6.95
C THR A 98 -16.22 20.68 -6.21
N ALA A 99 -16.21 21.59 -5.24
CA ALA A 99 -17.42 21.94 -4.48
C ALA A 99 -17.89 23.37 -4.86
N GLY A 100 -17.25 23.96 -5.86
CA GLY A 100 -17.65 25.29 -6.29
C GLY A 100 -16.83 26.46 -5.78
N ASN A 101 -15.98 26.21 -4.79
CA ASN A 101 -15.16 27.26 -4.22
C ASN A 101 -14.05 27.74 -5.13
N SER A 102 -13.84 29.04 -5.20
CA SER A 102 -12.77 29.56 -6.03
C SER A 102 -11.59 29.91 -5.13
N PHE A 103 -10.41 30.04 -5.71
CA PHE A 103 -9.21 30.37 -4.95
C PHE A 103 -8.22 31.04 -5.88
N GLY A 104 -7.21 31.69 -5.32
CA GLY A 104 -6.22 32.34 -6.14
C GLY A 104 -5.25 33.16 -5.33
N ASN A 105 -4.01 33.29 -5.82
CA ASN A 105 -2.99 34.08 -5.13
C ASN A 105 -2.88 33.66 -3.66
N LYS A 106 -2.74 32.37 -3.39
CA LYS A 106 -2.63 31.85 -2.02
C LYS A 106 -3.78 32.26 -1.11
N SER A 107 -4.95 32.43 -1.70
CA SER A 107 -6.15 32.83 -0.96
C SER A 107 -7.23 31.77 -1.20
N PHE A 108 -7.60 31.07 -0.12
CA PHE A 108 -8.56 29.99 -0.14
C PHE A 108 -9.69 30.24 0.84
N PRO A 109 -10.75 29.39 0.81
CA PRO A 109 -11.88 29.56 1.72
C PRO A 109 -11.45 29.51 3.21
N ILE A 110 -10.41 28.74 3.54
CA ILE A 110 -9.97 28.60 4.93
C ILE A 110 -8.55 29.09 5.25
N TYR A 111 -7.85 29.62 4.26
CA TYR A 111 -6.48 30.11 4.47
C TYR A 111 -6.25 31.39 3.70
N SER A 112 -5.50 32.30 4.30
CA SER A 112 -5.14 33.57 3.70
C SER A 112 -3.66 33.48 3.31
N PRO A 113 -3.15 34.45 2.54
CA PRO A 113 -1.73 34.41 2.15
C PRO A 113 -0.77 34.29 3.34
N GLN A 114 -1.15 34.88 4.47
CA GLN A 114 -0.32 34.85 5.67
C GLN A 114 -0.25 33.50 6.38
N ASP A 115 -1.02 32.52 5.91
CA ASP A 115 -1.00 31.20 6.53
C ASP A 115 -0.03 30.26 5.83
N PHE A 116 0.72 30.80 4.87
CA PHE A 116 1.70 30.05 4.10
C PHE A 116 3.10 30.62 4.32
N HIS A 117 4.11 29.83 3.99
CA HIS A 117 5.49 30.27 4.07
C HIS A 117 5.70 31.17 2.86
N GLU A 118 6.69 32.07 2.93
CA GLU A 118 6.99 32.94 1.80
C GLU A 118 7.42 32.03 0.66
N SER A 119 6.96 32.33 -0.55
CA SER A 119 7.29 31.53 -1.71
C SER A 119 8.77 31.41 -2.06
N CYS A 120 9.16 30.18 -2.35
CA CYS A 120 10.52 29.84 -2.79
C CYS A 120 10.40 28.46 -3.44
N THR A 121 11.38 28.09 -4.25
CA THR A 121 11.32 26.83 -4.96
C THR A 121 12.30 25.82 -4.43
N ILE A 122 11.82 24.59 -4.25
CA ILE A 122 12.68 23.50 -3.79
C ILE A 122 13.38 23.00 -5.04
N ASN A 123 14.71 23.01 -5.02
CA ASN A 123 15.50 22.50 -6.14
C ASN A 123 15.97 21.11 -5.78
N ASN A 124 16.24 20.31 -6.79
CA ASN A 124 16.69 18.94 -6.60
C ASN A 124 17.90 18.82 -5.66
N SER A 125 18.84 19.76 -5.72
CA SER A 125 20.01 19.70 -4.85
C SER A 125 19.72 20.03 -3.37
N ASP A 126 18.55 20.61 -3.10
CA ASP A 126 18.18 20.94 -1.73
C ASP A 126 17.92 19.70 -0.89
N TYR A 127 17.52 18.60 -1.52
CA TYR A 127 17.26 17.35 -0.82
C TYR A 127 18.50 16.81 -0.12
N GLY A 128 19.65 16.95 -0.77
CA GLY A 128 20.88 16.45 -0.19
C GLY A 128 21.52 17.38 0.82
N ASN A 129 21.32 18.69 0.70
CA ASN A 129 22.00 19.59 1.63
C ASN A 129 21.28 20.76 2.29
N ASP A 130 19.99 20.95 2.04
CA ASP A 130 19.30 22.06 2.68
C ASP A 130 17.92 21.66 3.21
N ARG A 131 17.91 21.22 4.46
CA ARG A 131 16.70 20.78 5.16
C ARG A 131 15.64 21.91 5.27
N TYR A 132 16.12 23.13 5.45
CA TYR A 132 15.24 24.30 5.57
C TYR A 132 14.43 24.54 4.29
N ARG A 133 15.07 24.45 3.13
CA ARG A 133 14.38 24.66 1.87
C ARG A 133 13.40 23.51 1.55
N VAL A 134 13.79 22.28 1.89
CA VAL A 134 12.95 21.10 1.67
C VAL A 134 11.61 21.24 2.43
N GLN A 135 11.67 21.78 3.64
CA GLN A 135 10.48 21.91 4.49
C GLN A 135 9.73 23.24 4.48
N ASN A 136 10.33 24.30 3.92
CA ASN A 136 9.67 25.61 3.87
C ASN A 136 9.38 26.13 2.46
N CYS A 137 10.06 25.61 1.44
CA CYS A 137 9.81 26.05 0.07
C CYS A 137 8.76 25.19 -0.60
N GLU A 138 8.34 25.58 -1.79
CA GLU A 138 7.30 24.89 -2.52
C GLU A 138 7.69 23.66 -3.33
N LEU A 139 6.87 22.61 -3.23
CA LEU A 139 7.06 21.38 -3.98
C LEU A 139 6.25 21.61 -5.27
N VAL A 140 6.96 21.67 -6.40
CA VAL A 140 6.34 21.92 -7.71
C VAL A 140 5.26 23.02 -7.73
N GLY A 141 5.55 24.14 -7.06
CA GLY A 141 4.65 25.28 -7.01
C GLY A 141 3.46 25.21 -6.07
N LEU A 142 3.33 24.13 -5.31
CA LEU A 142 2.23 23.97 -4.38
C LEU A 142 2.41 24.92 -3.19
N ALA A 143 1.38 25.70 -2.89
CA ALA A 143 1.43 26.67 -1.79
C ALA A 143 1.81 25.95 -0.50
N ASP A 144 2.92 26.35 0.11
CA ASP A 144 3.41 25.70 1.32
C ASP A 144 2.82 26.22 2.63
N LEU A 145 2.00 25.40 3.28
CA LEU A 145 1.36 25.77 4.55
C LEU A 145 2.34 26.01 5.70
N ASP A 146 2.06 27.03 6.50
CA ASP A 146 2.89 27.33 7.66
C ASP A 146 2.44 26.33 8.75
N THR A 147 2.96 25.11 8.66
CA THR A 147 2.59 24.05 9.60
C THR A 147 3.03 24.25 11.04
N ALA A 148 3.72 25.35 11.32
CA ALA A 148 4.13 25.66 12.69
C ALA A 148 3.09 26.58 13.30
N SER A 149 2.18 27.09 12.48
CA SER A 149 1.12 27.98 12.93
C SER A 149 0.00 27.22 13.67
N ASN A 150 -0.40 27.75 14.83
CA ASN A 150 -1.45 27.16 15.64
C ASN A 150 -2.78 27.11 14.90
N TYR A 151 -3.05 28.12 14.08
CA TYR A 151 -4.28 28.14 13.31
C TYR A 151 -4.30 27.02 12.28
N VAL A 152 -3.18 26.84 11.57
CA VAL A 152 -3.06 25.80 10.55
C VAL A 152 -3.18 24.40 11.16
N GLN A 153 -2.52 24.20 12.30
CA GLN A 153 -2.58 22.93 13.00
C GLN A 153 -4.00 22.63 13.47
N ASN A 154 -4.67 23.64 14.03
CA ASN A 154 -6.05 23.47 14.49
C ASN A 154 -6.95 23.12 13.34
N THR A 155 -6.73 23.77 12.19
CA THR A 155 -7.54 23.55 11.00
C THR A 155 -7.38 22.11 10.44
N ILE A 156 -6.14 21.63 10.36
CA ILE A 156 -5.92 20.27 9.85
C ILE A 156 -6.39 19.22 10.86
N ALA A 157 -6.16 19.47 12.15
CA ALA A 157 -6.59 18.53 13.20
C ALA A 157 -8.11 18.39 13.27
N ALA A 158 -8.83 19.49 13.02
CA ALA A 158 -10.29 19.48 13.05
C ALA A 158 -10.85 18.61 11.92
N TYR A 159 -10.15 18.61 10.79
CA TYR A 159 -10.54 17.81 9.63
C TYR A 159 -10.29 16.33 9.96
N ILE A 160 -9.13 16.04 10.53
CA ILE A 160 -8.77 14.68 10.91
C ILE A 160 -9.75 14.14 11.97
N ASN A 161 -10.10 14.97 12.95
CA ASN A 161 -11.02 14.55 14.00
C ASN A 161 -12.44 14.39 13.47
N ASP A 162 -12.80 15.21 12.49
CA ASP A 162 -14.12 15.10 11.89
C ASP A 162 -14.23 13.79 11.17
N LEU A 163 -13.14 13.38 10.51
CA LEU A 163 -13.11 12.11 9.79
C LEU A 163 -13.17 10.94 10.78
N GLN A 164 -12.50 11.05 11.92
CA GLN A 164 -12.56 9.97 12.89
C GLN A 164 -13.98 9.81 13.41
N ALA A 165 -14.67 10.95 13.61
CA ALA A 165 -16.05 10.96 14.10
C ALA A 165 -16.97 10.20 13.13
N ILE A 166 -16.73 10.37 11.82
CA ILE A 166 -17.49 9.70 10.78
C ILE A 166 -17.20 8.19 10.86
N GLY A 167 -16.01 7.83 11.34
CA GLY A 167 -15.66 6.43 11.45
C GLY A 167 -14.35 6.03 10.80
N VAL A 168 -13.59 6.99 10.27
CA VAL A 168 -12.30 6.70 9.64
C VAL A 168 -11.28 6.21 10.69
N LYS A 169 -10.61 5.10 10.40
CA LYS A 169 -9.64 4.51 11.33
C LYS A 169 -8.17 4.86 11.16
N GLY A 170 -7.79 5.37 10.00
CA GLY A 170 -6.39 5.69 9.76
C GLY A 170 -6.13 6.77 8.75
N PHE A 171 -4.88 7.23 8.71
CA PHE A 171 -4.47 8.31 7.84
C PHE A 171 -3.09 8.13 7.24
N ARG A 172 -2.97 8.56 5.98
CA ARG A 172 -1.70 8.55 5.29
C ARG A 172 -1.33 10.03 5.23
N PHE A 173 -0.20 10.41 5.83
CA PHE A 173 0.23 11.80 5.77
C PHE A 173 1.09 11.94 4.52
N ASN A 174 0.50 12.51 3.48
CA ASN A 174 1.18 12.72 2.21
C ASN A 174 2.28 13.78 2.30
N ALA A 175 3.38 13.55 1.57
CA ALA A 175 4.51 14.47 1.51
C ALA A 175 5.08 14.86 2.88
N SER A 176 5.19 13.90 3.78
CA SER A 176 5.68 14.17 5.13
C SER A 176 7.12 14.66 5.30
N LYS A 177 8.01 14.32 4.36
CA LYS A 177 9.39 14.77 4.49
C LYS A 177 9.47 16.30 4.35
N HIS A 178 8.42 16.86 3.74
CA HIS A 178 8.35 18.31 3.54
C HIS A 178 7.76 19.07 4.73
N VAL A 179 7.54 18.36 5.82
CA VAL A 179 7.02 18.96 7.05
C VAL A 179 7.95 18.53 8.18
N ALA A 180 8.43 19.48 8.96
CA ALA A 180 9.30 19.18 10.08
C ALA A 180 8.61 18.17 11.00
N ALA A 181 9.34 17.12 11.41
CA ALA A 181 8.78 16.11 12.30
C ALA A 181 8.17 16.73 13.58
N SER A 182 8.74 17.83 14.06
CA SER A 182 8.26 18.51 15.26
C SER A 182 6.90 19.19 15.02
N ASP A 183 6.65 19.61 13.79
CA ASP A 183 5.36 20.22 13.43
C ASP A 183 4.31 19.10 13.49
N ILE A 184 4.68 17.89 13.05
CA ILE A 184 3.77 16.75 13.09
C ILE A 184 3.52 16.32 14.54
N GLN A 185 4.54 16.42 15.39
CA GLN A 185 4.37 16.07 16.81
C GLN A 185 3.32 16.98 17.45
N SER A 186 3.35 18.28 17.10
CA SER A 186 2.39 19.27 17.61
C SER A 186 0.99 18.99 17.08
N LEU A 187 0.89 18.71 15.77
CA LEU A 187 -0.39 18.39 15.13
C LEU A 187 -1.07 17.19 15.80
N MET A 188 -0.28 16.14 16.05
CA MET A 188 -0.79 14.90 16.67
C MET A 188 -1.31 15.11 18.08
N ALA A 189 -0.74 16.08 18.79
CA ALA A 189 -1.19 16.38 20.15
C ALA A 189 -2.63 16.91 20.10
N LYS A 190 -3.04 17.42 18.94
CA LYS A 190 -4.40 17.94 18.73
C LYS A 190 -5.36 16.89 18.17
N VAL A 191 -4.83 15.75 17.75
CA VAL A 191 -5.67 14.69 17.19
C VAL A 191 -6.22 13.80 18.32
N ASN A 192 -7.52 13.52 18.29
CA ASN A 192 -8.14 12.69 19.34
C ASN A 192 -7.82 11.21 19.21
N GLY A 193 -7.70 10.56 20.36
CA GLY A 193 -7.42 9.14 20.41
C GLY A 193 -6.10 8.79 19.77
N SER A 194 -6.01 7.58 19.22
CA SER A 194 -4.80 7.14 18.55
C SER A 194 -5.13 6.35 17.30
N PRO A 195 -5.38 7.06 16.18
CA PRO A 195 -5.70 6.34 14.95
C PRO A 195 -4.41 5.77 14.33
N VAL A 196 -4.57 4.90 13.35
CA VAL A 196 -3.40 4.34 12.66
C VAL A 196 -2.92 5.46 11.73
N VAL A 197 -1.66 5.84 11.85
CA VAL A 197 -1.13 6.89 11.00
C VAL A 197 0.15 6.40 10.36
N PHE A 198 0.23 6.51 9.03
CA PHE A 198 1.47 6.15 8.33
C PHE A 198 1.89 7.36 7.49
N GLN A 199 3.17 7.71 7.61
CA GLN A 199 3.73 8.87 6.95
C GLN A 199 4.52 8.56 5.70
N GLU A 200 4.17 9.22 4.59
CA GLU A 200 4.88 9.01 3.34
C GLU A 200 6.21 9.76 3.33
N VAL A 201 7.29 9.06 3.66
CA VAL A 201 8.63 9.66 3.65
C VAL A 201 9.46 8.87 2.65
N ILE A 202 9.96 9.55 1.62
CA ILE A 202 10.77 8.91 0.60
C ILE A 202 12.24 9.14 0.96
N ASP A 203 12.89 8.10 1.46
CA ASP A 203 14.28 8.20 1.87
C ASP A 203 15.04 6.99 1.38
N GLN A 204 15.88 7.20 0.38
CA GLN A 204 16.69 6.15 -0.20
C GLN A 204 18.13 6.32 0.32
N GLY A 205 18.34 7.29 1.20
CA GLY A 205 19.66 7.54 1.76
C GLY A 205 20.33 8.79 1.19
N GLY A 206 21.24 9.36 1.99
CA GLY A 206 21.96 10.56 1.55
C GLY A 206 21.13 11.85 1.51
N GLU A 207 19.95 11.82 2.12
CA GLU A 207 19.07 12.98 2.15
C GLU A 207 19.34 13.78 3.42
N ALA A 208 19.08 15.09 3.38
CA ALA A 208 19.26 15.95 4.55
C ALA A 208 18.21 15.58 5.61
N VAL A 209 17.07 15.07 5.16
CA VAL A 209 15.97 14.65 6.03
C VAL A 209 15.80 13.14 5.97
N GLY A 210 15.88 12.49 7.14
CA GLY A 210 15.75 11.05 7.20
C GLY A 210 14.42 10.49 7.72
N ALA A 211 14.08 9.30 7.24
CA ALA A 211 12.85 8.63 7.63
C ALA A 211 12.80 8.34 9.13
N SER A 212 13.97 8.09 9.72
CA SER A 212 14.08 7.78 11.14
C SER A 212 13.55 8.88 12.04
N GLU A 213 13.50 10.11 11.52
CA GLU A 213 12.99 11.25 12.29
C GLU A 213 11.50 11.16 12.56
N TYR A 214 10.81 10.35 11.78
CA TYR A 214 9.36 10.19 11.90
C TYR A 214 8.90 8.95 12.64
N LEU A 215 9.82 8.13 13.11
CA LEU A 215 9.44 6.90 13.82
C LEU A 215 8.56 7.11 15.04
N SER A 216 8.63 8.27 15.67
CA SER A 216 7.84 8.50 16.88
C SER A 216 6.42 9.03 16.66
N THR A 217 6.07 9.39 15.44
CA THR A 217 4.72 9.90 15.17
C THR A 217 3.77 8.92 14.46
N GLY A 218 4.27 7.73 14.13
CA GLY A 218 3.45 6.73 13.48
C GLY A 218 4.32 5.83 12.61
N LEU A 219 3.68 5.03 11.77
CA LEU A 219 4.41 4.13 10.88
C LEU A 219 4.99 4.99 9.76
N VAL A 220 5.99 4.47 9.06
CA VAL A 220 6.64 5.20 7.98
C VAL A 220 6.78 4.29 6.75
N THR A 221 6.57 4.85 5.56
CA THR A 221 6.72 4.11 4.32
C THR A 221 8.21 3.81 4.06
N GLU A 222 8.55 2.52 3.89
CA GLU A 222 9.93 2.11 3.63
C GLU A 222 10.15 1.89 2.12
N PHE A 223 10.48 2.98 1.42
CA PHE A 223 10.69 2.91 -0.02
C PHE A 223 11.87 2.05 -0.49
N LYS A 224 12.82 1.75 0.40
CA LYS A 224 13.94 0.92 0.00
C LYS A 224 13.46 -0.50 -0.29
N TYR A 225 12.40 -0.92 0.38
CA TYR A 225 11.84 -2.24 0.21
C TYR A 225 11.38 -2.43 -1.23
N SER A 226 10.56 -1.50 -1.71
CA SER A 226 10.06 -1.55 -3.07
C SER A 226 11.18 -1.55 -4.12
N THR A 227 12.18 -0.68 -3.95
CA THR A 227 13.25 -0.63 -4.93
C THR A 227 14.22 -1.82 -4.87
N GLU A 228 14.55 -2.29 -3.66
CA GLU A 228 15.45 -3.43 -3.48
C GLU A 228 14.84 -4.77 -3.88
N LEU A 229 13.54 -4.93 -3.64
CA LEU A 229 12.84 -6.14 -4.01
C LEU A 229 12.77 -6.22 -5.55
N GLY A 230 12.43 -5.10 -6.17
CA GLY A 230 12.33 -5.05 -7.62
C GLY A 230 13.69 -5.27 -8.25
N ASN A 231 14.72 -4.67 -7.65
CA ASN A 231 16.05 -4.84 -8.18
C ASN A 231 16.55 -6.29 -8.07
N THR A 232 16.22 -6.97 -6.98
CA THR A 232 16.64 -8.36 -6.78
C THR A 232 15.87 -9.33 -7.69
N PHE A 233 14.55 -9.17 -7.78
CA PHE A 233 13.74 -10.04 -8.63
C PHE A 233 14.07 -9.88 -10.13
N ARG A 234 14.49 -8.69 -10.55
CA ARG A 234 14.85 -8.50 -11.95
C ARG A 234 16.32 -8.80 -12.27
N ASN A 235 17.22 -8.25 -11.46
CA ASN A 235 18.64 -8.38 -11.76
C ASN A 235 19.53 -9.13 -10.76
N GLY A 236 18.98 -9.62 -9.65
CA GLY A 236 19.80 -10.30 -8.68
C GLY A 236 19.44 -11.76 -8.45
N SER A 237 19.71 -12.26 -7.25
CA SER A 237 19.38 -13.63 -6.90
C SER A 237 18.43 -13.64 -5.73
N LEU A 238 17.39 -14.48 -5.81
CA LEU A 238 16.42 -14.56 -4.72
C LEU A 238 17.08 -15.07 -3.45
N ALA A 239 18.14 -15.88 -3.61
CA ALA A 239 18.86 -16.42 -2.47
C ALA A 239 19.40 -15.32 -1.56
N TRP A 240 19.56 -14.10 -2.11
CA TRP A 240 20.05 -12.95 -1.34
C TRP A 240 19.03 -12.46 -0.29
N LEU A 241 17.76 -12.77 -0.50
CA LEU A 241 16.69 -12.33 0.38
C LEU A 241 16.60 -13.04 1.73
N SER A 242 17.49 -13.99 2.01
CA SER A 242 17.45 -14.76 3.26
C SER A 242 17.46 -13.92 4.51
N ASN A 243 18.01 -12.70 4.42
CA ASN A 243 18.06 -11.80 5.56
C ASN A 243 17.50 -10.42 5.25
N PHE A 244 16.55 -10.37 4.29
CA PHE A 244 15.89 -9.12 3.85
C PHE A 244 15.28 -8.40 5.08
N GLY A 245 15.35 -7.07 5.10
CA GLY A 245 14.81 -6.30 6.21
C GLY A 245 15.86 -5.42 6.89
N GLU A 246 15.92 -5.46 8.22
CA GLU A 246 16.88 -4.66 9.00
C GLU A 246 18.32 -5.02 8.58
N GLY A 247 18.53 -6.27 8.17
CA GLY A 247 19.84 -6.71 7.74
C GLY A 247 20.33 -5.93 6.54
N TRP A 248 19.41 -5.51 5.67
CA TRP A 248 19.78 -4.73 4.49
C TRP A 248 19.82 -3.23 4.82
N GLY A 249 19.52 -2.87 6.06
CA GLY A 249 19.54 -1.46 6.45
C GLY A 249 18.18 -0.78 6.46
N PHE A 250 17.09 -1.56 6.39
CA PHE A 250 15.74 -0.98 6.42
C PHE A 250 15.41 -0.59 7.86
N MET A 251 14.31 0.15 8.04
CA MET A 251 13.88 0.56 9.38
C MET A 251 13.26 -0.65 10.09
N PRO A 252 13.03 -0.54 11.41
CA PRO A 252 12.44 -1.69 12.13
C PRO A 252 11.15 -2.17 11.47
N SER A 253 11.00 -3.49 11.46
CA SER A 253 9.84 -4.16 10.88
C SER A 253 8.53 -3.61 11.42
N SER A 254 8.46 -3.45 12.73
CA SER A 254 7.24 -2.96 13.39
C SER A 254 6.87 -1.50 13.10
N SER A 255 7.74 -0.78 12.40
CA SER A 255 7.50 0.62 12.05
C SER A 255 7.29 0.84 10.56
N ALA A 256 7.53 -0.19 9.75
CA ALA A 256 7.45 -0.06 8.30
C ALA A 256 6.18 -0.47 7.57
N VAL A 257 5.81 0.38 6.60
CA VAL A 257 4.70 0.10 5.70
C VAL A 257 5.45 -0.24 4.41
N VAL A 258 5.17 -1.41 3.82
CA VAL A 258 5.87 -1.85 2.61
C VAL A 258 4.93 -2.14 1.42
N PHE A 259 5.51 -2.25 0.24
CA PHE A 259 4.74 -2.50 -0.99
C PHE A 259 5.67 -2.87 -2.14
N VAL A 260 5.15 -3.58 -3.14
CA VAL A 260 5.94 -3.92 -4.31
C VAL A 260 6.05 -2.62 -5.15
N ASP A 261 4.95 -1.87 -5.19
CA ASP A 261 4.87 -0.58 -5.90
C ASP A 261 3.73 0.26 -5.33
N ASN A 262 3.70 1.55 -5.65
CA ASN A 262 2.61 2.41 -5.20
C ASN A 262 2.17 3.28 -6.36
N HIS A 263 1.13 4.11 -6.17
CA HIS A 263 0.62 4.92 -7.26
C HIS A 263 1.61 5.90 -7.91
N ASP A 264 2.57 6.39 -7.13
CA ASP A 264 3.59 7.31 -7.62
C ASP A 264 4.71 6.60 -8.37
N ASN A 265 5.36 5.65 -7.72
CA ASN A 265 6.47 4.95 -8.34
C ASN A 265 6.14 4.01 -9.49
N GLN A 266 4.88 3.64 -9.66
CA GLN A 266 4.55 2.78 -10.80
C GLN A 266 4.48 3.64 -12.08
N ARG A 267 4.54 4.96 -11.93
CA ARG A 267 4.51 5.86 -13.09
C ARG A 267 5.70 6.83 -13.15
N GLY A 268 6.81 6.48 -12.51
CA GLY A 268 8.00 7.34 -12.55
C GLY A 268 8.28 8.33 -11.44
N HIS A 269 7.25 8.68 -10.69
CA HIS A 269 7.40 9.64 -9.59
C HIS A 269 8.05 8.99 -8.38
N GLY A 270 9.38 9.10 -8.29
CA GLY A 270 10.07 8.55 -7.13
C GLY A 270 10.46 7.08 -7.19
N GLY A 271 10.55 6.55 -8.41
CA GLY A 271 10.92 5.15 -8.58
C GLY A 271 11.37 4.90 -10.01
N ALA A 272 12.47 4.16 -10.17
CA ALA A 272 13.00 3.85 -11.50
C ALA A 272 12.33 2.66 -12.18
N GLY A 273 12.84 2.28 -13.34
CA GLY A 273 12.29 1.18 -14.09
C GLY A 273 12.40 -0.20 -13.43
N ASN A 274 13.26 -0.33 -12.42
CA ASN A 274 13.38 -1.62 -11.73
C ASN A 274 12.18 -1.96 -10.84
N VAL A 275 11.30 -0.98 -10.59
CA VAL A 275 10.09 -1.21 -9.81
C VAL A 275 9.18 -2.16 -10.59
N ILE A 276 8.64 -3.17 -9.90
CA ILE A 276 7.78 -4.15 -10.55
C ILE A 276 6.32 -3.71 -10.40
N THR A 277 5.56 -3.78 -11.49
CA THR A 277 4.14 -3.40 -11.50
C THR A 277 3.30 -4.47 -12.23
N PHE A 278 1.98 -4.22 -12.34
CA PHE A 278 1.07 -5.15 -13.00
C PHE A 278 1.50 -5.48 -14.44
N GLU A 279 2.17 -4.54 -15.10
CA GLU A 279 2.62 -4.76 -16.47
C GLU A 279 3.60 -5.92 -16.60
N ASP A 280 4.23 -6.30 -15.49
CA ASP A 280 5.18 -7.39 -15.53
C ASP A 280 4.60 -8.79 -15.35
N GLY A 281 3.27 -8.85 -15.25
CA GLY A 281 2.57 -10.12 -15.13
C GLY A 281 3.02 -11.06 -14.02
N ARG A 282 3.46 -12.25 -14.43
CA ARG A 282 3.93 -13.27 -13.50
C ARG A 282 5.08 -12.81 -12.60
N LEU A 283 5.88 -11.83 -13.05
CA LEU A 283 6.97 -11.33 -12.21
C LEU A 283 6.33 -10.63 -11.01
N TYR A 284 5.23 -9.91 -11.26
CA TYR A 284 4.49 -9.21 -10.22
C TYR A 284 3.83 -10.19 -9.22
N ASP A 285 3.29 -11.30 -9.71
CA ASP A 285 2.69 -12.32 -8.83
C ASP A 285 3.74 -12.83 -7.84
N LEU A 286 4.91 -13.23 -8.37
CA LEU A 286 5.99 -13.78 -7.57
C LEU A 286 6.56 -12.78 -6.55
N ALA A 287 6.68 -11.51 -6.96
CA ALA A 287 7.19 -10.47 -6.07
C ALA A 287 6.22 -10.30 -4.91
N ASN A 288 4.91 -10.31 -5.20
CA ASN A 288 3.89 -10.18 -4.15
C ASN A 288 3.88 -11.40 -3.23
N VAL A 289 4.01 -12.60 -3.80
CA VAL A 289 4.05 -13.82 -3.01
C VAL A 289 5.18 -13.74 -1.96
N PHE A 290 6.36 -13.32 -2.38
CA PHE A 290 7.45 -13.20 -1.43
C PHE A 290 7.09 -12.19 -0.32
N MET A 291 6.68 -10.98 -0.71
CA MET A 291 6.32 -9.94 0.23
C MET A 291 5.28 -10.37 1.28
N LEU A 292 4.21 -11.01 0.83
CA LEU A 292 3.15 -11.44 1.72
C LEU A 292 3.53 -12.61 2.62
N ALA A 293 4.44 -13.47 2.17
CA ALA A 293 4.88 -14.60 2.99
C ALA A 293 6.00 -14.20 3.96
N TYR A 294 6.83 -13.23 3.55
CA TYR A 294 7.94 -12.77 4.36
C TYR A 294 7.47 -11.90 5.53
N PRO A 295 7.94 -12.20 6.74
CA PRO A 295 7.54 -11.44 7.94
C PRO A 295 8.14 -10.07 8.23
N TYR A 296 8.21 -9.20 7.23
CA TYR A 296 8.74 -7.86 7.47
C TYR A 296 7.69 -6.83 7.09
N GLY A 297 7.48 -5.84 7.96
CA GLY A 297 6.53 -4.77 7.70
C GLY A 297 5.04 -5.08 7.58
N TYR A 298 4.28 -4.02 7.38
CA TYR A 298 2.82 -4.07 7.23
C TYR A 298 2.64 -3.80 5.74
N PRO A 299 2.33 -4.83 4.94
CA PRO A 299 2.17 -4.61 3.50
C PRO A 299 0.85 -4.08 2.98
N LYS A 300 0.93 -3.37 1.85
CA LYS A 300 -0.27 -2.89 1.20
C LYS A 300 -0.22 -3.26 -0.26
N VAL A 301 -1.23 -4.00 -0.69
CA VAL A 301 -1.37 -4.44 -2.06
C VAL A 301 -1.85 -3.24 -2.89
N MET A 302 -1.32 -3.13 -4.10
CA MET A 302 -1.68 -2.05 -5.03
C MET A 302 -2.84 -2.48 -5.92
N SER A 303 -3.75 -1.55 -6.25
CA SER A 303 -4.86 -1.86 -7.15
C SER A 303 -4.91 -0.69 -8.13
N SER A 304 -4.54 -0.99 -9.39
CA SER A 304 -4.41 0.02 -10.44
C SER A 304 -5.40 -0.01 -11.61
N TYR A 305 -5.12 0.87 -12.57
CA TYR A 305 -5.85 0.94 -13.84
C TYR A 305 -4.79 1.07 -14.95
N ASP A 306 -5.14 0.55 -16.12
CA ASP A 306 -4.23 0.61 -17.25
C ASP A 306 -4.20 2.07 -17.69
N PHE A 307 -3.06 2.73 -17.54
CA PHE A 307 -2.96 4.12 -17.93
C PHE A 307 -2.45 4.37 -19.36
N HIS A 308 -2.22 3.27 -20.09
CA HIS A 308 -1.80 3.32 -21.49
C HIS A 308 -0.60 4.23 -21.74
N GLY A 309 0.41 4.13 -20.88
CA GLY A 309 1.60 4.94 -21.04
C GLY A 309 1.50 6.42 -20.63
N ASP A 310 0.28 6.94 -20.50
CA ASP A 310 0.08 8.35 -20.12
C ASP A 310 0.20 8.50 -18.59
N THR A 311 1.30 9.10 -18.13
CA THR A 311 1.51 9.25 -16.70
C THR A 311 0.71 10.32 -15.94
N ASP A 312 -0.02 11.16 -16.68
CA ASP A 312 -0.84 12.20 -16.06
C ASP A 312 -2.34 11.81 -16.05
N ALA A 313 -2.70 10.86 -16.91
CA ALA A 313 -4.08 10.40 -17.06
C ALA A 313 -4.81 9.93 -15.81
N GLY A 314 -6.08 10.31 -15.74
CA GLY A 314 -6.95 9.88 -14.65
C GLY A 314 -7.47 8.49 -14.96
N GLY A 315 -8.35 7.96 -14.13
CA GLY A 315 -8.88 6.62 -14.34
C GLY A 315 -9.90 6.44 -15.43
N PRO A 316 -10.38 5.20 -15.62
CA PRO A 316 -11.39 4.80 -16.62
C PRO A 316 -12.69 5.59 -16.48
N ASN A 317 -13.46 5.69 -17.57
CA ASN A 317 -14.73 6.41 -17.54
C ASN A 317 -15.90 5.46 -17.31
N VAL A 318 -15.59 4.34 -16.68
CA VAL A 318 -16.58 3.32 -16.40
C VAL A 318 -16.30 2.81 -14.97
N PRO A 319 -17.35 2.58 -14.17
CA PRO A 319 -17.16 2.09 -12.80
C PRO A 319 -16.71 0.64 -12.78
N VAL A 320 -16.19 0.18 -11.64
CA VAL A 320 -15.72 -1.20 -11.51
C VAL A 320 -16.93 -2.12 -11.53
N HIS A 321 -17.92 -1.79 -10.72
CA HIS A 321 -19.15 -2.57 -10.63
C HIS A 321 -20.13 -1.87 -11.57
N ASN A 322 -20.09 -2.26 -12.83
CA ASN A 322 -20.90 -1.67 -13.87
C ASN A 322 -22.07 -2.53 -14.35
N ASN A 323 -23.25 -2.29 -13.76
CA ASN A 323 -24.47 -3.03 -14.10
C ASN A 323 -24.33 -4.55 -14.07
N GLY A 324 -23.82 -5.08 -12.96
CA GLY A 324 -23.66 -6.53 -12.84
C GLY A 324 -22.37 -7.07 -13.47
N ASN A 325 -21.58 -6.18 -14.08
CA ASN A 325 -20.30 -6.53 -14.69
C ASN A 325 -19.16 -6.03 -13.84
N LEU A 326 -18.08 -6.80 -13.81
CA LEU A 326 -16.91 -6.41 -13.05
C LEU A 326 -15.90 -5.95 -14.10
N GLU A 327 -15.65 -4.65 -14.17
CA GLU A 327 -14.70 -4.12 -15.14
C GLU A 327 -13.24 -4.33 -14.71
N CYS A 328 -12.90 -5.57 -14.36
CA CYS A 328 -11.55 -5.93 -13.92
C CYS A 328 -10.75 -6.73 -14.93
N PHE A 329 -9.45 -6.76 -14.69
CA PHE A 329 -8.49 -7.55 -15.46
C PHE A 329 -8.16 -7.16 -16.90
N ALA A 330 -8.94 -6.28 -17.53
CA ALA A 330 -8.66 -5.91 -18.92
C ALA A 330 -7.90 -4.58 -19.08
N SER A 331 -8.38 -3.69 -19.95
CA SER A 331 -7.71 -2.42 -20.18
C SER A 331 -8.28 -1.25 -19.39
N ASN A 332 -9.08 -1.55 -18.37
CA ASN A 332 -9.64 -0.53 -17.50
C ASN A 332 -9.00 -0.72 -16.13
N TRP A 333 -9.76 -1.19 -15.14
CA TRP A 333 -9.21 -1.45 -13.81
C TRP A 333 -8.50 -2.82 -13.83
N LYS A 334 -7.29 -2.89 -13.27
CA LYS A 334 -6.53 -4.13 -13.24
C LYS A 334 -6.94 -5.08 -12.11
N CYS A 335 -7.34 -4.51 -10.97
CA CYS A 335 -7.80 -5.29 -9.79
C CYS A 335 -6.80 -6.33 -9.28
N GLU A 336 -5.55 -5.89 -9.06
CA GLU A 336 -4.50 -6.80 -8.59
C GLU A 336 -4.84 -7.48 -7.27
N HIS A 337 -5.61 -6.81 -6.42
CA HIS A 337 -6.00 -7.40 -5.13
C HIS A 337 -6.86 -8.67 -5.31
N ARG A 338 -7.40 -8.87 -6.52
CA ARG A 338 -8.22 -10.05 -6.85
C ARG A 338 -7.42 -11.15 -7.57
N TRP A 339 -6.20 -10.85 -7.99
CA TRP A 339 -5.36 -11.84 -8.66
C TRP A 339 -5.07 -13.00 -7.72
N SER A 340 -5.29 -14.20 -8.23
CA SER A 340 -5.10 -15.45 -7.48
C SER A 340 -3.86 -15.56 -6.57
N TYR A 341 -2.67 -15.26 -7.09
CA TYR A 341 -1.44 -15.35 -6.29
C TYR A 341 -1.36 -14.31 -5.18
N ILE A 342 -1.91 -13.14 -5.46
CA ILE A 342 -1.90 -12.04 -4.52
C ILE A 342 -2.91 -12.30 -3.41
N ALA A 343 -4.14 -12.66 -3.79
CA ALA A 343 -5.17 -12.95 -2.80
C ALA A 343 -4.71 -14.15 -1.99
N GLY A 344 -4.08 -15.12 -2.67
CA GLY A 344 -3.55 -16.30 -2.01
C GLY A 344 -2.46 -15.98 -0.99
N GLY A 345 -1.61 -15.01 -1.31
CA GLY A 345 -0.56 -14.59 -0.40
C GLY A 345 -1.12 -13.91 0.84
N VAL A 346 -2.20 -13.14 0.66
CA VAL A 346 -2.85 -12.44 1.77
C VAL A 346 -3.40 -13.50 2.75
N ASP A 347 -3.99 -14.54 2.21
CA ASP A 347 -4.54 -15.62 3.01
C ASP A 347 -3.40 -16.32 3.81
N PHE A 348 -2.25 -16.54 3.16
CA PHE A 348 -1.11 -17.16 3.82
C PHE A 348 -0.65 -16.28 5.00
N ARG A 349 -0.46 -14.98 4.75
CA ARG A 349 -0.01 -14.05 5.80
C ARG A 349 -0.96 -14.03 6.99
N ASN A 350 -2.25 -13.99 6.69
CA ASN A 350 -3.28 -13.97 7.71
C ASN A 350 -3.24 -15.22 8.58
N ASN A 351 -2.90 -16.36 7.97
CA ASN A 351 -2.88 -17.64 8.68
C ASN A 351 -1.57 -18.09 9.30
N THR A 352 -0.54 -17.27 9.18
CA THR A 352 0.76 -17.60 9.75
C THR A 352 1.16 -16.50 10.74
N ALA A 353 0.20 -15.65 11.09
CA ALA A 353 0.44 -14.53 12.00
C ALA A 353 0.78 -14.90 13.43
N ASP A 354 0.75 -16.20 13.75
CA ASP A 354 1.08 -16.66 15.10
C ASP A 354 2.54 -17.10 15.18
N ASN A 355 3.28 -16.89 14.11
CA ASN A 355 4.70 -17.24 14.08
C ASN A 355 5.36 -16.33 13.06
N TRP A 356 6.05 -15.30 13.56
CA TRP A 356 6.70 -14.32 12.71
C TRP A 356 8.19 -14.59 12.43
N ALA A 357 8.58 -15.85 12.47
CA ALA A 357 9.95 -16.21 12.17
C ALA A 357 10.03 -16.89 10.81
N VAL A 358 11.22 -16.85 10.21
CA VAL A 358 11.48 -17.52 8.95
C VAL A 358 12.25 -18.76 9.40
N THR A 359 11.68 -19.94 9.16
CA THR A 359 12.32 -21.18 9.57
C THR A 359 12.73 -22.02 8.37
N ASN A 360 13.76 -22.85 8.57
CA ASN A 360 14.26 -23.75 7.52
C ASN A 360 14.39 -23.11 6.14
N TRP A 361 15.19 -22.07 6.03
CA TRP A 361 15.40 -21.41 4.74
C TRP A 361 16.25 -22.33 3.86
N TRP A 362 15.87 -22.43 2.59
CA TRP A 362 16.59 -23.24 1.62
C TRP A 362 16.63 -22.45 0.32
N ASP A 363 17.72 -22.60 -0.41
CA ASP A 363 17.85 -21.97 -1.72
C ASP A 363 18.85 -22.78 -2.53
N ASN A 364 18.84 -22.62 -3.85
CA ASN A 364 19.77 -23.34 -4.71
C ASN A 364 20.96 -22.40 -5.04
N THR A 365 21.16 -21.40 -4.18
CA THR A 365 22.20 -20.37 -4.30
C THR A 365 21.86 -19.30 -5.35
N ASN A 366 20.71 -19.45 -6.02
CA ASN A 366 20.32 -18.48 -7.02
C ASN A 366 18.83 -18.10 -6.98
N ASN A 367 18.03 -18.54 -7.95
CA ASN A 367 16.60 -18.17 -7.99
C ASN A 367 15.53 -19.16 -7.58
N GLN A 368 15.87 -20.07 -6.68
CA GLN A 368 14.93 -21.05 -6.13
C GLN A 368 15.06 -20.94 -4.61
N ILE A 369 13.95 -20.62 -3.95
CA ILE A 369 13.93 -20.47 -2.50
C ILE A 369 12.71 -21.14 -1.88
N SER A 370 12.82 -21.47 -0.61
CA SER A 370 11.74 -22.08 0.15
C SER A 370 12.00 -21.73 1.61
N PHE A 371 10.93 -21.51 2.36
CA PHE A 371 11.05 -21.22 3.78
C PHE A 371 9.69 -21.39 4.45
N GLY A 372 9.73 -21.62 5.76
CA GLY A 372 8.50 -21.78 6.50
C GLY A 372 8.28 -20.71 7.55
N ARG A 373 7.12 -20.81 8.20
CA ARG A 373 6.73 -19.90 9.28
C ARG A 373 6.41 -20.89 10.42
N GLY A 374 7.42 -21.69 10.76
CA GLY A 374 7.24 -22.69 11.80
C GLY A 374 6.22 -23.70 11.31
N SER A 375 5.47 -24.25 12.23
CA SER A 375 4.46 -25.23 11.87
C SER A 375 3.18 -24.60 11.30
N SER A 376 3.20 -23.29 11.11
CA SER A 376 2.01 -22.62 10.59
C SER A 376 1.92 -22.61 9.09
N GLY A 377 3.06 -22.66 8.41
CA GLY A 377 3.03 -22.65 6.95
C GLY A 377 4.40 -22.81 6.33
N HIS A 378 4.39 -23.00 5.01
CA HIS A 378 5.62 -23.18 4.22
C HIS A 378 5.37 -22.67 2.79
N MET A 379 6.40 -22.18 2.12
CA MET A 379 6.24 -21.68 0.76
C MET A 379 7.48 -21.97 -0.06
N ALA A 380 7.39 -21.72 -1.37
CA ALA A 380 8.50 -21.91 -2.28
C ALA A 380 8.25 -21.15 -3.56
N ILE A 381 9.30 -20.53 -4.08
CA ILE A 381 9.23 -19.78 -5.32
C ILE A 381 10.30 -20.33 -6.26
N ASN A 382 9.92 -20.55 -7.52
CA ASN A 382 10.87 -21.05 -8.52
C ASN A 382 10.97 -20.02 -9.65
N LYS A 383 12.10 -19.34 -9.72
CA LYS A 383 12.30 -18.36 -10.76
C LYS A 383 13.45 -18.74 -11.70
N GLU A 384 13.75 -20.03 -11.76
CA GLU A 384 14.77 -20.55 -12.68
C GLU A 384 13.98 -21.01 -13.92
N ASP A 385 14.67 -21.53 -14.93
CA ASP A 385 14.03 -21.98 -16.16
C ASP A 385 13.69 -23.47 -16.18
N SER A 386 13.96 -24.17 -15.08
CA SER A 386 13.68 -25.60 -14.99
C SER A 386 12.96 -25.91 -13.67
N THR A 387 12.21 -27.02 -13.66
CA THR A 387 11.43 -27.47 -12.49
C THR A 387 12.19 -27.58 -11.17
N LEU A 388 11.56 -27.10 -10.10
CA LEU A 388 12.13 -27.20 -8.76
C LEU A 388 11.56 -28.53 -8.23
N THR A 389 12.44 -29.52 -8.06
CA THR A 389 12.03 -30.84 -7.58
C THR A 389 12.74 -31.25 -6.29
N ALA A 390 13.37 -30.29 -5.61
CA ALA A 390 14.08 -30.61 -4.36
C ALA A 390 13.17 -31.04 -3.22
N THR A 391 13.74 -31.76 -2.28
CA THR A 391 13.02 -32.22 -1.09
C THR A 391 13.44 -31.24 0.02
N VAL A 392 12.46 -30.53 0.58
CA VAL A 392 12.74 -29.54 1.63
C VAL A 392 12.13 -29.97 2.96
N GLN A 393 12.72 -29.52 4.06
CA GLN A 393 12.22 -29.86 5.39
C GLN A 393 11.27 -28.77 5.94
N THR A 394 10.15 -29.17 6.55
CA THR A 394 9.18 -28.23 7.13
C THR A 394 8.90 -28.67 8.56
N ASP A 395 8.19 -27.83 9.31
CA ASP A 395 7.81 -28.15 10.68
C ASP A 395 6.33 -28.40 10.73
N MET A 396 5.75 -28.82 9.61
CA MET A 396 4.31 -29.06 9.55
C MET A 396 3.83 -30.48 9.72
N ALA A 397 2.65 -30.61 10.30
CA ALA A 397 2.04 -31.92 10.51
C ALA A 397 1.85 -32.57 9.15
N SER A 398 2.09 -33.87 9.07
CA SER A 398 1.93 -34.57 7.82
C SER A 398 0.48 -34.55 7.35
N GLY A 399 0.28 -34.70 6.06
CA GLY A 399 -1.07 -34.68 5.52
C GLY A 399 -1.10 -34.02 4.14
N GLN A 400 -2.29 -33.62 3.71
CA GLN A 400 -2.47 -32.98 2.42
C GLN A 400 -3.07 -31.60 2.55
N TYR A 401 -2.48 -30.63 1.87
CA TYR A 401 -2.89 -29.23 1.94
C TYR A 401 -3.17 -28.62 0.56
N CYS A 402 -3.94 -27.53 0.53
CA CYS A 402 -4.21 -26.85 -0.74
C CYS A 402 -3.12 -25.81 -0.99
N ASN A 403 -2.64 -25.75 -2.24
CA ASN A 403 -1.66 -24.72 -2.61
C ASN A 403 -2.60 -23.52 -2.73
N VAL A 404 -2.61 -22.66 -1.72
CA VAL A 404 -3.52 -21.51 -1.68
C VAL A 404 -3.25 -20.41 -2.71
N LEU A 405 -2.15 -20.54 -3.45
CA LEU A 405 -1.82 -19.57 -4.48
C LEU A 405 -2.61 -19.89 -5.73
N LYS A 406 -3.08 -21.14 -5.84
CA LYS A 406 -3.84 -21.59 -7.01
C LYS A 406 -5.25 -22.07 -6.73
N GLY A 407 -5.68 -22.01 -5.47
CA GLY A 407 -7.02 -22.46 -5.14
C GLY A 407 -7.30 -22.36 -3.65
N GLU A 408 -8.40 -22.98 -3.23
CA GLU A 408 -8.78 -22.93 -1.83
C GLU A 408 -9.49 -24.19 -1.35
N LEU A 409 -9.58 -24.30 -0.03
CA LEU A 409 -10.22 -25.43 0.64
C LEU A 409 -11.74 -25.24 0.62
N SER A 410 -12.46 -26.33 0.33
CA SER A 410 -13.92 -26.31 0.31
C SER A 410 -14.45 -26.11 1.72
N ALA A 411 -15.73 -25.72 1.82
CA ALA A 411 -16.38 -25.48 3.10
C ALA A 411 -16.28 -26.66 4.07
N ASP A 412 -16.43 -27.87 3.54
CA ASP A 412 -16.38 -29.08 4.35
C ASP A 412 -14.97 -29.63 4.57
N ALA A 413 -13.98 -28.94 4.00
CA ALA A 413 -12.56 -29.33 4.11
C ALA A 413 -12.23 -30.69 3.49
N LYS A 414 -13.02 -31.13 2.53
CA LYS A 414 -12.74 -32.43 1.93
C LYS A 414 -12.14 -32.36 0.52
N SER A 415 -11.93 -31.14 0.01
CA SER A 415 -11.33 -30.93 -1.30
C SER A 415 -10.75 -29.52 -1.46
N CYS A 416 -9.92 -29.37 -2.49
CA CYS A 416 -9.29 -28.09 -2.81
C CYS A 416 -9.75 -27.77 -4.24
N SER A 417 -9.65 -26.50 -4.65
CA SER A 417 -10.01 -26.13 -6.03
C SER A 417 -8.76 -26.12 -6.91
N GLY A 418 -7.57 -26.08 -6.30
CA GLY A 418 -6.32 -26.11 -7.04
C GLY A 418 -5.51 -27.35 -6.69
N GLU A 419 -4.21 -27.34 -6.96
CA GLU A 419 -3.35 -28.50 -6.67
C GLU A 419 -3.14 -28.79 -5.19
N VAL A 420 -2.95 -30.07 -4.89
CA VAL A 420 -2.73 -30.54 -3.54
C VAL A 420 -1.22 -30.74 -3.30
N ILE A 421 -0.76 -30.38 -2.11
CA ILE A 421 0.63 -30.50 -1.70
C ILE A 421 0.67 -31.50 -0.54
N THR A 422 1.58 -32.46 -0.61
CA THR A 422 1.67 -33.45 0.45
C THR A 422 2.88 -33.28 1.34
N VAL A 423 2.65 -33.28 2.66
CA VAL A 423 3.73 -33.22 3.64
C VAL A 423 3.88 -34.67 4.15
N ASN A 424 5.06 -35.25 3.94
CA ASN A 424 5.36 -36.62 4.35
C ASN A 424 5.43 -36.80 5.86
N SER A 425 5.38 -38.05 6.32
CA SER A 425 5.42 -38.36 7.76
C SER A 425 6.65 -37.81 8.52
N ASP A 426 7.70 -37.46 7.80
CA ASP A 426 8.89 -36.90 8.42
C ASP A 426 8.93 -35.38 8.27
N GLY A 427 7.83 -34.79 7.81
CA GLY A 427 7.76 -33.34 7.63
C GLY A 427 8.31 -32.76 6.34
N THR A 428 8.85 -33.61 5.45
CA THR A 428 9.42 -33.13 4.19
C THR A 428 8.38 -33.02 3.08
N ILE A 429 8.67 -32.20 2.07
CA ILE A 429 7.80 -32.05 0.92
C ILE A 429 8.68 -32.29 -0.31
N ASN A 430 8.20 -33.12 -1.23
CA ASN A 430 8.94 -33.38 -2.46
C ASN A 430 8.33 -32.38 -3.44
N LEU A 431 9.00 -31.24 -3.59
CA LEU A 431 8.52 -30.18 -4.47
C LEU A 431 8.41 -30.55 -5.93
N ASN A 432 7.49 -29.88 -6.63
CA ASN A 432 7.27 -30.11 -8.06
C ASN A 432 6.68 -28.80 -8.60
N ILE A 433 7.52 -27.77 -8.68
CA ILE A 433 7.09 -26.45 -9.14
C ILE A 433 7.73 -26.05 -10.48
N GLY A 434 6.89 -25.73 -11.47
CA GLY A 434 7.40 -25.32 -12.77
C GLY A 434 8.17 -24.00 -12.75
N ALA A 435 8.80 -23.64 -13.86
CA ALA A 435 9.54 -22.38 -13.95
C ALA A 435 8.59 -21.22 -13.73
N TRP A 436 9.03 -20.19 -13.00
CA TRP A 436 8.22 -19.00 -12.71
C TRP A 436 6.87 -19.30 -12.09
N ASP A 437 6.90 -20.16 -11.08
CA ASP A 437 5.69 -20.55 -10.36
C ASP A 437 6.03 -20.64 -8.88
N ALA A 438 5.00 -20.84 -8.04
CA ALA A 438 5.23 -20.91 -6.62
C ALA A 438 4.15 -21.71 -5.92
N MET A 439 4.37 -21.95 -4.63
CA MET A 439 3.42 -22.67 -3.83
C MET A 439 3.50 -22.15 -2.40
N ALA A 440 2.35 -22.17 -1.73
CA ALA A 440 2.25 -21.76 -0.34
C ALA A 440 1.14 -22.58 0.30
N ILE A 441 1.40 -23.12 1.48
CA ILE A 441 0.42 -23.91 2.23
C ILE A 441 0.43 -23.46 3.71
N HIS A 442 -0.72 -23.53 4.37
CA HIS A 442 -0.77 -23.16 5.78
C HIS A 442 -1.63 -24.15 6.57
N LYS A 443 -1.50 -24.13 7.89
CA LYS A 443 -2.22 -25.05 8.76
C LYS A 443 -3.74 -25.00 8.72
N ASN A 444 -4.31 -23.93 8.19
CA ASN A 444 -5.76 -23.85 8.11
C ASN A 444 -6.34 -24.16 6.73
N ALA A 445 -5.53 -24.80 5.89
CA ALA A 445 -5.99 -25.19 4.56
C ALA A 445 -5.53 -26.64 4.33
N LYS A 446 -5.69 -27.46 5.37
CA LYS A 446 -5.34 -28.86 5.40
C LYS A 446 -6.58 -29.73 5.13
N LEU A 447 -6.46 -30.69 4.23
CA LEU A 447 -7.56 -31.59 3.88
C LEU A 447 -7.87 -32.57 5.00
N ASN A 448 -9.17 -32.80 5.21
CA ASN A 448 -9.65 -33.70 6.24
C ASN A 448 -9.84 -35.12 5.71
C1 GLC B . 4.55 13.73 -3.02
C2 GLC B . 4.64 12.71 -4.15
C3 GLC B . 4.33 13.41 -5.46
C4 GLC B . 2.98 14.15 -5.40
C5 GLC B . 2.87 15.02 -4.15
C6 GLC B . 1.43 15.50 -3.98
O1 GLC B . 4.82 13.13 -1.81
O2 GLC B . 5.94 12.17 -4.18
O3 GLC B . 4.30 12.45 -6.51
O4 GLC B . 2.83 14.98 -6.57
O5 GLC B . 3.21 14.27 -2.97
O6 GLC B . 1.29 16.38 -2.89
C1 GLC B . 1.73 14.74 -7.40
C2 GLC B . 2.22 14.51 -8.84
C3 GLC B . 2.73 15.83 -9.45
C4 GLC B . 1.66 16.90 -9.35
C5 GLC B . 1.28 17.07 -7.86
C6 GLC B . 0.22 18.14 -7.58
O2 GLC B . 3.28 13.56 -8.83
O3 GLC B . 3.07 15.63 -10.81
O4 GLC B . 2.17 18.14 -9.89
O5 GLC B . 0.78 15.81 -7.35
O6 GLC B . -0.93 17.94 -8.38
C1 AC1 B . 1.33 18.81 -10.81
O2 AC1 B . 2.52 17.74 -12.57
C2 AC1 B . 2.03 18.99 -12.13
C4A AC1 B . 5.50 25.66 -11.44
C3 AC1 B . 3.19 19.98 -11.96
O3 AC1 B . 3.80 20.21 -13.21
C4 AC1 B . 2.66 21.30 -11.42
N4A AC1 B . 3.78 22.22 -11.25
C5 AC1 B . 1.92 21.04 -10.11
O5 AC1 B . 0.87 20.07 -10.32
C6 AC1 B . 1.31 22.31 -9.56
C1B AC1 B . 3.63 23.31 -12.20
C2B AC1 B . 4.98 23.67 -12.83
O2B AC1 B . 5.54 22.51 -13.41
C3B AC1 B . 5.90 24.22 -11.76
O3B AC1 B . 7.25 24.18 -12.19
O4 AC1 B . 6.29 26.15 -10.36
C5B AC1 B . 4.02 25.69 -11.14
C7B AC1 B . 3.09 24.55 -11.54
C6B AC1 B . 3.43 26.87 -10.39
O6B AC1 B . 2.19 27.23 -10.97
CA CA C . 6.41 22.35 3.95
CL CL D . 2.55 5.19 0.10
#